data_8B6Z
#
_entry.id   8B6Z
#
loop_
_entity.id
_entity.type
_entity.pdbx_description
1 polymer 'Elongation factor 1-alpha 2'
2 polymer '28S ribosomal RNA'
#
loop_
_entity_poly.entity_id
_entity_poly.type
_entity_poly.pdbx_seq_one_letter_code
_entity_poly.pdbx_strand_id
1 'polypeptide(L)'
;MGKEKTHINIVVIGHVDSGKSTTTGHLIYKCGGIDKRTIEKFEKEAAEMGKGSFKYAWVLDKLKAERERGITIDISLWKF
ETTKYYITIIDAPGHRDFIKNMITGTSQADCAVLIVAAGVGEFEAGISKNGQTREHALLAYTLGVKQLIVGVNKMDSTEP
AYSEKRYDEIVKEVSAYIKKIGYNPATVPFVPISGWHGDNMLEPSPNMPWFKGWKVERKEGNASGVSLLEALDTILPPTR
PTDKPLRLPLQDVYKIGGIGTVPVGRVETGILRPGMVVTFAPVNITTEVKSVEMHHEALSEALPGDNVGFNVKNVSVKDI
RRGNVCGDSKSDPPQEAAQFTSQVIILNHPGQISAGYSPVIDCHTAHIACKFAELKEKIDRRSGKKLEDNPKSLKSGDAA
IVEMVPGKPMCVESFSQYPPLGRFAVRDMRQTVAVGVIKNVEKKSGGAGKVTKSAQKAQKAGK
;
A
2 'polyribonucleotide'
;CGCGACCUCAGAUCAGACGUGGCGACCCGCUGAAUUUAAGCAUAUUAGUCAGCGGAGGAGAAGAAACUAACCAGGAUUCC
CUCAGUAACGGCGAGUGAACAGGGAAGAGCCCAGCGCCGAAUCCCCGCCCCGCGGCGGGGCGCGGGACAUGUGGCGUACG
GAAGACCCGCUCCCCGGCGCCGCUCGUGGGGGGCCCAAGUCCUUCUGAUCGAGGCCCAGCCCGUGGACGGUGUGAGGCCG
GUAGCGGCCCCCGGCGCGCCGGGCCCGGGUCUUCCCGGAGUCGGGUUGCUUGGGAAUGCAGCCCAAAGCGGGUGGUAAAC
UCCAUCUAAGGCUAAAUACCGGCACGAGACCGAUAGUCAACAAGUACCGUAAGGGAAAGUUGAAAAGAACUUUGAAGAGA
GAGUUCAAGAGGGCGUGAAACCGUUAAGAGGUAAACGGGUGGGGUCCGCGCAGUCCGCCCGGAGGAUUCAACCCGGCGGC
GGGUCCGGCCGUGUCGGCGGCCCGGCGGAUCUUUCCCGCCCCCCGUUCCUCCCGACCCCUCCACCCGCCCUCCCUUCCCC
CGCCGCCCCUCCUCCUCCUCCCCGGAGGGGGCGGGCUCCGGCGGGUGCGGGGGUGGGCGGGCGGGGCCGGGGGUGGGGUC
GGCGGGGGACCGUCCCCCGACCGGCGACCGGCCGCCGCCGGGCGCAUUUCCACCGCGGCGGUGCGCCGCGACCGGCUCCG
GGACGGCUGGGAAGGCCCGGCGGGGAAGGUGGCUCGGGGGGCCCCGUCCGUCCGUCCGUCCGUCCUCCUCCUCCCCCGUC
UCCGCCCCCCGGCCCCGCGUCCUCCCUCGGGAGGGCGCGCGGGUCGGGGCGGCGGCGGCGGCGGCGGUGGCGGCGGCGGC
GGCGGCGGCGGGACCGAAACCCCCCCCGAGUGUUACAGCCCCCCCGGCAGCAGCACUCGCCGAAUCCCGGGGCCGAGGGA
GCGAGACCCGUCGCCGCGCUCUCCCCCCUCCCGGCGCCCACCCCCGCGGGGAAUCCCCCGCGAGGGGGGUCUCCCCCGCG
GGGGCGCGCCGGCGUCUCCUCGUGGGGGGGCCGGGCCACCCCUCCCACGGCGCGACCGCUCUCCCACCCCUCCUCCCCGC
GCCCCCGCCCCGGCGACGGGGGGGGUGCCGCGCGCGGGUCGGGGGGCGGGGCGGACUGUCCCCAGUGCGCCCCGGGCGGG
UCGCGCCGUCGGGCCCGGGGGAGGUUCUCUCGGGGCCACGCGCGCGUCCCCCGAAGAGGGGGACGGCGGAGCGAGCGCAC
GGGGUCGGCGGCGACGUCGGCUACCCACCCGACCCGUCUUGAAACACGGACCAAGGAGUCUAACACGUGCGCGAGUCGGG
GGCUCGCACGAAAGCCGCCGUGGCGCAAUGAAGGUGAAGGCCGGCGCGCUCGCCGGCCGAGGUGGGAUCCCGAGGCCUCU
CCAGUCCGCCGAGGGCGCACCACCGGCCCGUCUCGCCCGCCGCGCCGGGGAGGUGGAGCACGAGCGCACGUGUUAGGACC
CGAAAGAUGGUGAACUAUGCCUGGGCAGGGCGAAGCCAGAGGAAACUCUGGUGGAGGUCCGUAGCGGUCCUGACGUGCAA
AUCGGUCGUCCGACCUGGGUAUAGGGGCGAAAGACUAAUCGAACCAUCUAGUAGCUGGUUCCCUCCGAAGUUUCCCUCAG
GAUAGCUGGCGCUCUCGCAGACCCGACGCACCCCCGCCACGCAGUUUUAUCCGGUAAAGCGAAUGAUUAGAGGUCUUGGG
GCCGAAACGAUCUCAACCUAUUCUCAAACUUUAAAUGGGUAAGAAGCCCGGCUCGCUGGCGUGGAGCCGGGCGUGGAAUG
CGAGUGCCUAGUGGGCCACUUUUGGUAAGCAGAACUGGCGCUGCGGGAUGAACCGAACGCCGGGUUAAGGCGCCCGAUGC
CGACGCUCAUCAGACCCCAGAAAAGGUGUUGGUUGAUAUAGACAGCAGGACGGUGGCCAUGGAAGUCGGAAUCCGCUAAG
GAGUGUGUAACAACUCACCUGCCGAAUCAACUAGCCCUGAAAAUGGAUGGCGCUGGAGCGUCGGGCCCAUACCCGGCCGU
CGCCGGCAGUCGAGAGUGGACGGGAGCGGCGGGGGCGGCGCGCGCGCGCGCGCGUGUGGUGUGCGUCGGAGGGCGGCGGC
GGCGGCGGCGGCGGGGGUGUGGGGUCCUUCCCCCGCCCCCCCCCCCACGCCUCCUCCCCUCCUCCCGCCCACGCCCCGCU
CCCCGCCCCCGGAGCCCCGCGGACGCUACGCCGCGACGAGUAGGAGGGCCGCUGCGGUGAGCCUUGAAGCCUAGGGCGCG
GGCCCGGGUGGAGCCGCCGCAGGUGCAGAUCUUGGUGGUAGUAGCAAAUAUUCAAACGAGAACUUUGAAGGCCGAAGUGG
AGAAGGGUUCCAUGUGAACAGCAGUUGAACAUGGGUCAGUCGGUCCUGAGAGAUGGGCGAGCGCCGUUCCGAAGGGACGG
GCGAUGGCCUCCGUUGCCCUCGGCCGAUCGAAAGGGAGUCGGGUUCAGAUCCCCGAAUCCGGAGUGGCGGAGAUGGGCGC
CGCGAGGCGUCCAGUGCGGUAACGCGACCGAUCCCGGAGAAGCCGGCGGGAGCCCCGGGGAGAGUUCUCUUUUCUUUGUG
AAGGGCAGGGCGCCCUGGAAUGGGUUCGCCCCGAGAGAGGGGCCCGUGCCUUGGAAAGCGUCGCGGUUCCGGCGGCGUCC
GGUGAGCUCUCGCUGGCCCUUGAAAAUCCGGGGGAGAGGGUGUAAAUCUCGCGCCGGGCCGUACCCAUAUCCGCAGCAGG
UCUCCAAGGUGAACAGCCUCUGGCAUGUUGGAACAAUGUAGGUAAGGGAAGUCGGCAAGCCGGAUCCGUAACUUCGGGAU
AAGGAUUGGCUCUAAGGGCUGGGUCGGUCGGGCUGGGGCGCGAAGCGGGGCUGGGCGCGCGCCGCGGCUGGACGAGGCGC
CGCCGCCCCCCCCACGCCCGGGGCACCCCCCUCGCGGCCCUCCCCCGCCCCACCCCGCGCGCGCCGCUCGCUCCCUCCCC
GCCCCGCGCCCUCUCUCUCUCUCUCUCCCCCGCUCCCCGUCCUCCCCCCUCCCCGGGGGAGCGCCGCGUGGGGGCGGCGG
CGGGGGGAGAAGGGUCGGGGCGGCAGGGGCCGGCGGCGGCCCGCCGCGGGGCCCCGGCGGCGGGGGCACGGUCCCCCGCG
AGGGGGGCCCGGGCACCCGGGGGGCCGGCGGCGGCGGCGACUCUGGACGCGAGCCGGGCCCUUCCCGUGGAUCGCCCCAG
CUGCGGCGGGCGUCGCGGCCGCCCCCGGGGAGCCCGGCGGGCGCCGGCGCGCCCCCCCCCCCACCCCACGUCUCGUCGCG
CGCGCGUCCGCUGGGGGCGGGGAGCGGUCGGGCGGCGGCGGUCGGCGGGCGGCGGGGCGGGGCGGUUCGUCCCCCCGCCC
UACCCCCCCGGCCCCGUCCGCCCCCCGUUCCCCCCUCCUCCUCGGCGCGCGGCGGCGGCGGCGGCAGGCGGCGGAGGGGC
CGCGGGCCGGUCCCCCCCGCCGGGUCCGCCCCCGGGGCCGCGGUUCCGCGCGGCGCCUCGCCUCGGCCGGCGCCUAGCAG
CCGACUUAGAACUGGUGCGGACCAGGGGAAUCCGACUGUUUAAUUAAAACAAAGCAUCGCGAAGGCCCGCGGCGGGUGUU
GACGCGAUGUGAUUUCUGCCCAGUGCUCUGAAUGUCAAAGUGAAGAAAUUCAAUGAAGCGCGGGUAAACGGCGGGAGUAA
CUAUGACUCUCUUAAGGUAGCCAAAUGCCUCGUCAUCUAAUUAGUGACGCGCAUGAAUGGAUGAACGAGAUUCCCACUGU
CCCUACCUACUAUCCAGCGAAACCACAGCCAAGGGAACGGGCUUGGCGGAAUCAGCGGGGAAAGAAGACCCUGUUGAGCU
UGACUCUAGUCUGGCACGGUGAAGAGACAUGAGAGGUGUAGAAUAAGUGGGAGGCCCCCGGCGCCCCCCCGGUGUCCCCG
CGAGGGGCCCGGGGCGGGGUCCGCCGGCCCUGCGGGCCGCCGGUGAAAUACCACUACUCUGAUCGUUUUUUCACUGACCC
GGUGAGGCGGGGGGGCGAGCCCCGAGGGGCUCUCGCUUCUGGCGCCAAGCGCCCGGCCGCGCGCCGGCCGGGCGCGACCC
GCUCCGGGGACAGUGCCAGGUGGGGAGUUUGACUGGGGCGGUACACCUGUCAAACGGUAACGCAGGUGUCCUAAGGCGAG
CUCAGGGAGGACAGAAACCUCCCGUGGAGCAGAAGGGCAAAAGCUCGCUUGAUCUUGAUUUUCAGUACGAAUACAGACCG
UGAAAGCGGGGCCUCACGAUCCUUCUGACCUUUUGGGUUUUAAGCAGGAGGUGUCAGAAAAGUUACCACAGGGAUAACUG
GCUUGUGGCGGCCAAGCGUUCAUAGCGACGUCGCUUUUUGAUCCUUCGAUGUCGGCUCUUCCUAUCAUUGUGAAGCAGAA
UUCACCAAGCGUUGGAUUGUUCACCCACUAAUAGGGAACGUGAGCUGGGUUUAGACCGUCGUGAGACAGGUUAGUUUUAC
CCUACUGAUGAUGUGUUGUUGCCAUGGUAAUCCUGCUCAGUACGAGAGGAACCGCAGGUUCAGACAUUUGGUGUAUGUGC
UUGGCUGAGGAGCCAAUGGGGCGAAGCUACCAUCUGUGGGAUUAUGACUGAACGCCUCUAAGUCAGAAUCCCGCCCAGGC
GGAACGAUACGGCAGCGCCGCGGAGCCUCGGUUGGCCUCGGAUAGCCGGUCCCCCGCCUGUCCCCGCCGGCGGGCCGCCC
CCCCCCUCCACGCGCCCCGCGCGCGCGGGAGGGCGCGUGCCCCGCCGCGCGCCGGGACCGGGGUCCGGUGCGGAGUGCCC
UUCGUCCUGGGAAACGGGGCGCGGCCGGAGAGGCGGCCGCCCCCUCGCCCGUCACGCACCGCACGUUCGUGGGGAACCUG
GCGCUAAACCAUUCGUAGACGACCUGCUUCUGGGUCGGGGUUUCGUACGUAGCAGAGCAGCUCCCUCGCUGCGAUCUAUU
GAAAGUCAGCCCUCGACACAAGGGUUUGUC
;
B
#
# COMPACT_ATOMS: atom_id res chain seq x y z
N GLU A 4 -15.82 13.95 15.61
CA GLU A 4 -15.81 12.49 15.63
C GLU A 4 -15.57 11.92 14.23
N LYS A 5 -15.11 12.77 13.31
CA LYS A 5 -14.89 12.33 11.94
C LYS A 5 -13.84 11.23 11.89
N THR A 6 -14.09 10.24 11.04
CA THR A 6 -13.14 9.14 10.89
C THR A 6 -11.83 9.64 10.30
N HIS A 7 -10.75 8.99 10.68
CA HIS A 7 -9.41 9.43 10.32
C HIS A 7 -8.94 8.75 9.03
N ILE A 8 -8.09 9.47 8.29
CA ILE A 8 -7.54 8.99 7.02
C ILE A 8 -6.06 9.30 6.99
N ASN A 9 -5.28 8.35 6.47
CA ASN A 9 -3.83 8.50 6.34
C ASN A 9 -3.47 8.75 4.89
N ILE A 10 -2.58 9.72 4.67
CA ILE A 10 -2.20 10.17 3.33
C ILE A 10 -0.69 10.04 3.16
N VAL A 11 -0.28 9.48 2.02
CA VAL A 11 1.11 9.47 1.59
C VAL A 11 1.20 10.28 0.30
N VAL A 12 2.16 11.20 0.25
CA VAL A 12 2.35 12.09 -0.89
C VAL A 12 3.53 11.54 -1.70
N ILE A 13 3.25 10.98 -2.87
CA ILE A 13 4.26 10.42 -3.74
C ILE A 13 4.42 11.30 -4.97
N GLY A 14 5.55 11.14 -5.65
CA GLY A 14 5.83 11.90 -6.85
C GLY A 14 7.31 12.10 -7.04
N HIS A 15 7.68 12.53 -8.24
CA HIS A 15 9.08 12.72 -8.58
C HIS A 15 9.69 13.85 -7.76
N VAL A 16 11.00 13.77 -7.57
CA VAL A 16 11.72 14.80 -6.82
C VAL A 16 11.53 16.14 -7.50
N ASP A 17 11.34 17.19 -6.70
CA ASP A 17 11.15 18.57 -7.15
C ASP A 17 9.89 18.75 -7.97
N SER A 18 8.97 17.77 -7.97
CA SER A 18 7.70 17.93 -8.65
C SER A 18 6.74 18.83 -7.89
N GLY A 19 7.02 19.11 -6.63
CA GLY A 19 6.20 19.96 -5.81
C GLY A 19 5.42 19.27 -4.71
N LYS A 20 5.83 18.08 -4.28
CA LYS A 20 5.14 17.40 -3.19
C LYS A 20 5.17 18.25 -1.92
N SER A 21 6.37 18.66 -1.50
CA SER A 21 6.51 19.41 -0.27
C SER A 21 5.75 20.74 -0.34
N THR A 22 5.93 21.48 -1.43
CA THR A 22 5.28 22.77 -1.56
C THR A 22 3.76 22.63 -1.52
N THR A 23 3.22 21.69 -2.31
CA THR A 23 1.77 21.49 -2.34
C THR A 23 1.25 21.10 -0.96
N THR A 24 1.91 20.14 -0.32
CA THR A 24 1.47 19.69 1.00
C THR A 24 1.50 20.83 2.01
N GLY A 25 2.58 21.61 2.02
CA GLY A 25 2.68 22.70 2.98
C GLY A 25 1.65 23.77 2.74
N HIS A 26 1.40 24.14 1.48
CA HIS A 26 0.39 25.15 1.20
C HIS A 26 -1.00 24.64 1.55
N LEU A 27 -1.26 23.34 1.31
CA LEU A 27 -2.53 22.75 1.72
C LEU A 27 -2.69 22.83 3.23
N ILE A 28 -1.63 22.53 3.97
CA ILE A 28 -1.67 22.64 5.43
C ILE A 28 -1.97 24.07 5.84
N TYR A 29 -1.31 25.04 5.20
CA TYR A 29 -1.54 26.44 5.53
C TYR A 29 -3.01 26.81 5.31
N LYS A 30 -3.55 26.49 4.13
CA LYS A 30 -4.91 26.92 3.80
C LYS A 30 -5.94 26.18 4.67
N CYS A 31 -5.66 24.92 5.01
CA CYS A 31 -6.59 24.14 5.82
C CYS A 31 -6.77 24.70 7.23
N GLY A 32 -5.89 25.60 7.67
CA GLY A 32 -6.03 26.19 8.98
C GLY A 32 -5.66 25.27 10.12
N GLY A 33 -4.93 24.19 9.85
CA GLY A 33 -4.51 23.29 10.90
C GLY A 33 -3.49 23.88 11.85
N ILE A 34 -2.75 24.89 11.40
CA ILE A 34 -1.74 25.55 12.22
C ILE A 34 -1.98 27.06 12.16
N ASP A 35 -1.91 27.71 13.32
CA ASP A 35 -2.08 29.15 13.37
C ASP A 35 -0.92 29.85 12.67
N LYS A 36 -1.20 31.06 12.17
CA LYS A 36 -0.20 31.76 11.36
C LYS A 36 1.05 32.08 12.17
N ARG A 37 0.91 32.38 13.46
CA ARG A 37 2.07 32.69 14.27
C ARG A 37 3.01 31.50 14.34
N THR A 38 2.47 30.32 14.65
CA THR A 38 3.29 29.11 14.67
C THR A 38 3.83 28.78 13.29
N ILE A 39 3.05 29.06 12.24
CA ILE A 39 3.53 28.83 10.88
C ILE A 39 4.79 29.65 10.62
N GLU A 40 4.75 30.94 10.96
CA GLU A 40 5.91 31.80 10.75
C GLU A 40 7.07 31.39 11.66
N LYS A 41 6.75 30.96 12.89
CA LYS A 41 7.81 30.51 13.80
C LYS A 41 8.56 29.31 13.21
N PHE A 42 7.82 28.34 12.68
CA PHE A 42 8.46 27.17 12.09
C PHE A 42 9.15 27.52 10.77
N GLU A 43 8.60 28.47 10.00
CA GLU A 43 9.30 28.92 8.80
C GLU A 43 10.65 29.52 9.15
N LYS A 44 10.70 30.36 10.19
CA LYS A 44 11.96 30.94 10.61
C LYS A 44 12.90 29.87 11.17
N GLU A 45 12.36 28.89 11.89
CA GLU A 45 13.19 27.78 12.35
C GLU A 45 13.83 27.04 11.18
N ALA A 46 13.04 26.76 10.15
CA ALA A 46 13.58 26.07 8.97
C ALA A 46 14.62 26.93 8.27
N ALA A 47 14.36 28.24 8.15
CA ALA A 47 15.34 29.12 7.54
C ALA A 47 16.64 29.16 8.34
N GLU A 48 16.55 29.03 9.67
CA GLU A 48 17.76 28.96 10.47
C GLU A 48 18.48 27.63 10.28
N MET A 49 17.72 26.52 10.18
CA MET A 49 18.34 25.21 10.01
C MET A 49 19.02 25.10 8.65
N GLY A 50 18.38 25.59 7.60
CA GLY A 50 18.92 25.48 6.26
C GLY A 50 18.88 26.81 5.54
N LYS A 51 19.83 26.99 4.62
CA LYS A 51 19.97 28.23 3.88
C LYS A 51 18.99 28.22 2.70
N GLY A 52 18.00 29.09 2.74
CA GLY A 52 17.03 29.19 1.68
C GLY A 52 15.67 29.58 2.24
N SER A 53 14.67 29.51 1.36
CA SER A 53 13.28 29.82 1.72
C SER A 53 12.49 28.52 1.75
N PHE A 54 11.79 28.28 2.86
CA PHE A 54 11.07 27.04 3.09
C PHE A 54 9.56 27.29 3.24
N LYS A 55 9.04 28.28 2.53
CA LYS A 55 7.61 28.57 2.59
C LYS A 55 6.85 27.46 1.90
N TYR A 56 6.00 26.75 2.66
CA TYR A 56 5.27 25.57 2.24
C TYR A 56 6.18 24.35 2.11
N ALA A 57 7.50 24.51 2.29
CA ALA A 57 8.43 23.41 2.16
C ALA A 57 8.82 22.78 3.49
N TRP A 58 8.74 23.53 4.58
CA TRP A 58 9.16 23.02 5.87
C TRP A 58 8.25 21.92 6.39
N VAL A 59 6.99 21.88 5.95
CA VAL A 59 6.05 20.91 6.51
C VAL A 59 6.46 19.49 6.14
N LEU A 60 6.46 19.17 4.84
CA LEU A 60 6.75 17.80 4.43
C LEU A 60 8.22 17.46 4.64
N ASP A 61 9.12 18.42 4.46
CA ASP A 61 10.52 18.17 4.75
C ASP A 61 10.73 17.85 6.22
N LYS A 62 10.05 18.58 7.11
CA LYS A 62 10.14 18.29 8.53
C LYS A 62 9.54 16.93 8.85
N LEU A 63 8.43 16.57 8.21
CA LEU A 63 7.86 15.25 8.42
C LEU A 63 8.84 14.16 8.02
N LYS A 64 9.48 14.33 6.85
CA LYS A 64 10.46 13.34 6.41
C LYS A 64 11.65 13.27 7.35
N ALA A 65 12.10 14.42 7.85
CA ALA A 65 13.25 14.44 8.76
C ALA A 65 12.91 13.83 10.11
N GLU A 66 11.65 13.90 10.52
CA GLU A 66 11.20 13.35 11.79
C GLU A 66 10.82 11.88 11.68
N ARG A 67 10.88 11.30 10.49
CA ARG A 67 10.67 9.86 10.30
C ARG A 67 11.99 9.13 10.07
N GLU A 68 13.07 9.61 10.68
CA GLU A 68 14.41 9.08 10.47
C GLU A 68 15.08 8.78 11.80
N ARG A 69 15.80 7.67 11.85
CA ARG A 69 16.58 7.28 13.02
C ARG A 69 15.70 7.10 14.26
N GLY A 70 14.44 6.76 14.05
CA GLY A 70 13.56 6.42 15.16
C GLY A 70 13.35 7.53 16.16
N ILE A 71 13.43 8.78 15.72
CA ILE A 71 13.22 9.95 16.57
C ILE A 71 11.88 10.57 16.20
N THR A 72 10.97 10.62 17.17
CA THR A 72 9.65 11.21 16.98
C THR A 72 9.35 12.11 18.17
N ILE A 73 9.22 13.41 17.92
CA ILE A 73 8.94 14.38 18.98
C ILE A 73 7.46 14.74 19.02
N ASP A 74 6.89 15.07 17.87
CA ASP A 74 5.48 15.44 17.82
C ASP A 74 4.97 15.26 16.40
N ILE A 75 3.68 14.94 16.28
CA ILE A 75 3.06 14.72 14.98
C ILE A 75 1.76 15.52 14.89
N SER A 76 1.56 16.46 15.82
CA SER A 76 0.32 17.23 15.84
C SER A 76 0.26 18.25 14.72
N LEU A 77 1.39 18.61 14.12
CA LEU A 77 1.39 19.64 13.08
C LEU A 77 0.72 19.14 11.80
N TRP A 78 0.95 17.87 11.44
CA TRP A 78 0.51 17.33 10.17
C TRP A 78 -0.89 16.76 10.21
N LYS A 79 -1.67 17.09 11.25
CA LYS A 79 -3.07 16.69 11.33
C LYS A 79 -3.94 17.90 11.06
N PHE A 80 -4.78 17.81 10.04
CA PHE A 80 -5.69 18.87 9.66
C PHE A 80 -7.07 18.28 9.41
N GLU A 81 -8.06 19.16 9.28
CA GLU A 81 -9.45 18.75 9.16
C GLU A 81 -10.01 19.24 7.82
N THR A 82 -10.55 18.31 7.04
CA THR A 82 -11.33 18.65 5.85
C THR A 82 -12.80 18.77 6.25
N THR A 83 -13.66 18.97 5.25
CA THR A 83 -15.10 19.02 5.55
C THR A 83 -15.61 17.67 6.00
N LYS A 84 -15.00 16.58 5.53
CA LYS A 84 -15.50 15.22 5.77
C LYS A 84 -14.67 14.42 6.76
N TYR A 85 -13.35 14.59 6.77
CA TYR A 85 -12.49 13.73 7.59
C TYR A 85 -11.37 14.54 8.24
N TYR A 86 -10.79 13.95 9.27
CA TYR A 86 -9.49 14.38 9.80
C TYR A 86 -8.40 13.59 9.08
N ILE A 87 -7.53 14.29 8.36
CA ILE A 87 -6.55 13.66 7.50
C ILE A 87 -5.15 14.05 7.98
N THR A 88 -4.29 13.04 8.13
CA THR A 88 -2.94 13.22 8.67
C THR A 88 -1.93 12.77 7.62
N ILE A 89 -0.93 13.63 7.37
CA ILE A 89 0.18 13.23 6.51
C ILE A 89 1.08 12.28 7.29
N ILE A 90 1.37 11.13 6.71
CA ILE A 90 2.14 10.10 7.39
C ILE A 90 3.60 10.14 6.94
N ASP A 91 3.84 9.91 5.66
CA ASP A 91 5.21 9.80 5.16
C ASP A 91 5.23 10.21 3.70
N ALA A 92 6.44 10.33 3.14
CA ALA A 92 6.62 10.67 1.74
C ALA A 92 7.99 10.18 1.30
N PRO A 93 8.17 9.92 0.01
CA PRO A 93 9.49 9.47 -0.46
C PRO A 93 10.55 10.54 -0.27
N GLY A 94 11.79 10.09 -0.09
CA GLY A 94 12.92 11.01 -0.02
C GLY A 94 13.70 10.94 1.27
N HIS A 95 13.66 9.79 1.95
CA HIS A 95 14.42 9.61 3.18
C HIS A 95 14.80 8.15 3.32
N ARG A 96 15.70 7.89 4.27
CA ARG A 96 16.34 6.57 4.36
C ARG A 96 15.33 5.47 4.64
N ASP A 97 14.36 5.73 5.53
CA ASP A 97 13.47 4.69 6.04
C ASP A 97 12.13 4.64 5.30
N PHE A 98 12.02 5.31 4.15
CA PHE A 98 10.74 5.34 3.44
C PHE A 98 10.30 3.94 3.04
N ILE A 99 11.17 3.22 2.32
CA ILE A 99 10.81 1.89 1.83
C ILE A 99 10.57 0.94 2.98
N LYS A 100 11.39 1.03 4.04
CA LYS A 100 11.20 0.18 5.20
C LYS A 100 9.83 0.44 5.83
N ASN A 101 9.47 1.71 6.00
CA ASN A 101 8.18 2.03 6.59
C ASN A 101 7.03 1.58 5.70
N MET A 102 7.20 1.67 4.38
CA MET A 102 6.15 1.24 3.46
C MET A 102 5.95 -0.27 3.54
N ILE A 103 7.03 -1.03 3.46
CA ILE A 103 6.93 -2.49 3.42
C ILE A 103 6.46 -3.02 4.78
N THR A 104 7.07 -2.54 5.86
CA THR A 104 6.72 -3.04 7.20
C THR A 104 5.32 -2.63 7.62
N GLY A 105 4.77 -1.56 7.06
CA GLY A 105 3.46 -1.08 7.44
C GLY A 105 3.43 -0.12 8.60
N THR A 106 4.59 0.24 9.16
CA THR A 106 4.61 1.23 10.24
C THR A 106 4.05 2.56 9.77
N SER A 107 4.17 2.86 8.48
CA SER A 107 3.61 4.06 7.87
C SER A 107 2.57 3.60 6.85
N GLN A 108 1.35 3.39 7.32
CA GLN A 108 0.25 2.92 6.48
C GLN A 108 -0.58 4.12 6.01
N ALA A 109 -0.96 4.11 4.74
CA ALA A 109 -1.71 5.19 4.14
C ALA A 109 -2.95 4.63 3.46
N ASP A 110 -4.07 5.34 3.59
CA ASP A 110 -5.32 4.91 2.97
C ASP A 110 -5.49 5.45 1.56
N CYS A 111 -4.84 6.57 1.23
CA CYS A 111 -4.92 7.15 -0.10
C CYS A 111 -3.60 7.84 -0.41
N ALA A 112 -3.26 7.87 -1.70
CA ALA A 112 -1.99 8.39 -2.18
C ALA A 112 -2.23 9.62 -3.04
N VAL A 113 -1.48 10.69 -2.77
CA VAL A 113 -1.57 11.94 -3.53
C VAL A 113 -0.34 12.00 -4.42
N LEU A 114 -0.55 11.69 -5.70
CA LEU A 114 0.53 11.80 -6.69
C LEU A 114 0.55 13.22 -7.25
N ILE A 115 1.62 13.95 -6.95
CA ILE A 115 1.80 15.31 -7.45
C ILE A 115 2.58 15.23 -8.76
N VAL A 116 1.92 15.56 -9.85
CA VAL A 116 2.50 15.49 -11.19
C VAL A 116 2.85 16.90 -11.61
N ALA A 117 4.15 17.19 -11.73
CA ALA A 117 4.59 18.46 -12.27
C ALA A 117 4.26 18.54 -13.75
N ALA A 118 3.76 19.70 -14.18
CA ALA A 118 3.08 19.81 -15.47
C ALA A 118 3.62 20.89 -16.39
N GLY A 119 4.60 21.69 -15.97
CA GLY A 119 5.14 22.71 -16.82
C GLY A 119 6.00 22.14 -17.92
N VAL A 120 6.71 23.03 -18.62
CA VAL A 120 7.60 22.60 -19.69
C VAL A 120 8.70 21.73 -19.13
N GLY A 121 8.88 20.55 -19.72
CA GLY A 121 9.94 19.64 -19.35
C GLY A 121 9.72 18.82 -18.10
N GLU A 122 8.80 19.23 -17.24
CA GLU A 122 8.59 18.53 -15.98
C GLU A 122 7.85 17.21 -16.20
N PHE A 123 6.67 17.27 -16.81
CA PHE A 123 5.86 16.08 -17.03
C PHE A 123 6.63 15.03 -17.84
N GLU A 124 7.51 15.49 -18.75
CA GLU A 124 8.33 14.55 -19.50
C GLU A 124 9.36 13.86 -18.61
N ALA A 125 10.10 14.65 -17.82
CA ALA A 125 11.16 14.09 -16.99
C ALA A 125 10.59 13.14 -15.93
N GLY A 126 9.45 13.50 -15.36
CA GLY A 126 8.89 12.68 -14.29
C GLY A 126 8.55 11.27 -14.72
N ILE A 127 8.28 11.08 -16.01
CA ILE A 127 7.91 9.77 -16.55
C ILE A 127 9.03 9.18 -17.40
N SER A 128 10.24 9.74 -17.33
CA SER A 128 11.37 9.21 -18.07
C SER A 128 11.96 8.00 -17.34
N LYS A 129 13.07 7.48 -17.88
CA LYS A 129 13.72 6.34 -17.25
C LYS A 129 14.18 6.68 -15.84
N ASN A 130 14.71 7.89 -15.65
CA ASN A 130 15.12 8.35 -14.33
C ASN A 130 13.94 8.90 -13.52
N GLY A 131 12.76 9.01 -14.12
CA GLY A 131 11.62 9.55 -13.41
C GLY A 131 11.10 8.56 -12.38
N GLN A 132 10.70 9.09 -11.22
CA GLN A 132 10.17 8.30 -10.13
C GLN A 132 8.65 8.23 -10.10
N THR A 133 7.97 8.95 -11.01
CA THR A 133 6.51 8.89 -11.05
C THR A 133 6.04 7.46 -11.30
N ARG A 134 6.60 6.80 -12.31
CA ARG A 134 6.23 5.43 -12.61
C ARG A 134 6.59 4.51 -11.45
N GLU A 135 7.80 4.67 -10.90
CA GLU A 135 8.21 3.86 -9.77
C GLU A 135 7.24 4.02 -8.60
N HIS A 136 6.89 5.27 -8.28
CA HIS A 136 6.03 5.53 -7.13
C HIS A 136 4.62 4.99 -7.35
N ALA A 137 4.06 5.17 -8.55
CA ALA A 137 2.73 4.63 -8.81
C ALA A 137 2.72 3.11 -8.76
N LEU A 138 3.78 2.47 -9.28
CA LEU A 138 3.86 1.01 -9.21
C LEU A 138 3.95 0.55 -7.75
N LEU A 139 4.76 1.22 -6.95
CA LEU A 139 4.86 0.88 -5.53
C LEU A 139 3.52 1.04 -4.83
N ALA A 140 2.83 2.15 -5.10
CA ALA A 140 1.53 2.39 -4.46
C ALA A 140 0.55 1.29 -4.82
N TYR A 141 0.50 0.90 -6.10
CA TYR A 141 -0.37 -0.20 -6.49
C TYR A 141 0.03 -1.49 -5.78
N THR A 142 1.34 -1.75 -5.69
CA THR A 142 1.81 -2.96 -5.04
C THR A 142 1.36 -3.00 -3.57
N LEU A 143 1.49 -1.88 -2.87
CA LEU A 143 1.12 -1.84 -1.45
C LEU A 143 -0.38 -1.97 -1.22
N GLY A 144 -1.19 -1.89 -2.27
CA GLY A 144 -2.63 -1.99 -2.11
C GLY A 144 -3.33 -0.66 -1.90
N VAL A 145 -2.67 0.46 -2.20
CA VAL A 145 -3.30 1.77 -2.11
C VAL A 145 -4.07 2.02 -3.40
N LYS A 146 -5.33 1.60 -3.43
CA LYS A 146 -6.11 1.63 -4.65
C LYS A 146 -6.83 2.95 -4.89
N GLN A 147 -6.85 3.85 -3.91
CA GLN A 147 -7.43 5.18 -4.08
C GLN A 147 -6.29 6.17 -4.32
N LEU A 148 -6.31 6.81 -5.49
CA LEU A 148 -5.20 7.64 -5.95
C LEU A 148 -5.71 9.02 -6.33
N ILE A 149 -5.00 10.05 -5.87
CA ILE A 149 -5.27 11.44 -6.25
C ILE A 149 -4.08 11.95 -7.05
N VAL A 150 -4.35 12.59 -8.19
CA VAL A 150 -3.31 13.11 -9.07
C VAL A 150 -3.42 14.62 -9.09
N GLY A 151 -2.43 15.29 -8.50
CA GLY A 151 -2.34 16.74 -8.54
C GLY A 151 -1.46 17.22 -9.68
N VAL A 152 -2.06 17.84 -10.68
CA VAL A 152 -1.32 18.28 -11.88
C VAL A 152 -0.77 19.67 -11.54
N ASN A 153 0.45 19.68 -11.02
CA ASN A 153 1.00 20.80 -10.28
C ASN A 153 1.90 21.68 -11.13
N LYS A 154 2.09 22.92 -10.65
CA LYS A 154 2.93 23.91 -11.31
C LYS A 154 2.53 24.11 -12.77
N MET A 155 1.22 24.02 -13.04
CA MET A 155 0.69 24.21 -14.38
C MET A 155 0.79 25.66 -14.87
N ASP A 156 1.13 26.60 -13.99
CA ASP A 156 1.10 28.03 -14.32
C ASP A 156 2.15 28.43 -15.35
N SER A 157 2.96 27.47 -15.82
CA SER A 157 4.17 27.78 -16.57
C SER A 157 4.12 27.45 -18.06
N THR A 158 2.96 27.08 -18.60
CA THR A 158 2.88 26.84 -20.04
C THR A 158 2.65 28.17 -20.78
N GLU A 159 2.62 28.10 -22.11
CA GLU A 159 2.18 29.21 -22.95
C GLU A 159 1.16 28.65 -23.93
N PRO A 160 -0.11 29.09 -23.90
CA PRO A 160 -0.71 30.08 -22.98
C PRO A 160 -0.63 29.64 -21.52
N ALA A 161 -0.80 30.57 -20.57
CA ALA A 161 -0.36 30.36 -19.19
C ALA A 161 -0.91 29.07 -18.58
N TYR A 162 -2.15 28.69 -18.93
CA TYR A 162 -2.77 27.46 -18.43
C TYR A 162 -3.37 26.76 -19.66
N SER A 163 -2.55 25.90 -20.28
CA SER A 163 -2.95 25.24 -21.52
C SER A 163 -3.95 24.12 -21.26
N GLU A 164 -5.07 24.16 -21.98
CA GLU A 164 -6.05 23.08 -21.92
C GLU A 164 -5.45 21.79 -22.46
N LYS A 165 -4.78 21.87 -23.61
CA LYS A 165 -4.30 20.66 -24.26
C LYS A 165 -3.09 20.07 -23.55
N ARG A 166 -2.30 20.87 -22.85
CA ARG A 166 -1.26 20.30 -21.98
C ARG A 166 -1.90 19.47 -20.87
N TYR A 167 -2.96 20.01 -20.25
CA TYR A 167 -3.72 19.26 -19.26
C TYR A 167 -4.24 17.96 -19.84
N ASP A 168 -4.83 18.00 -21.03
CA ASP A 168 -5.36 16.79 -21.65
C ASP A 168 -4.25 15.81 -22.04
N GLU A 169 -3.11 16.34 -22.48
CA GLU A 169 -1.96 15.50 -22.81
C GLU A 169 -1.50 14.70 -21.60
N ILE A 170 -1.26 15.39 -20.48
CA ILE A 170 -0.87 14.71 -19.26
C ILE A 170 -1.95 13.71 -18.86
N VAL A 171 -3.22 14.14 -18.89
CA VAL A 171 -4.32 13.29 -18.43
C VAL A 171 -4.37 12.00 -19.23
N LYS A 172 -4.37 12.10 -20.57
CA LYS A 172 -4.53 10.89 -21.38
C LYS A 172 -3.31 9.98 -21.28
N GLU A 173 -2.10 10.54 -21.35
CA GLU A 173 -0.93 9.68 -21.34
C GLU A 173 -0.71 9.05 -19.96
N VAL A 174 -1.16 9.71 -18.90
CA VAL A 174 -1.21 9.08 -17.57
C VAL A 174 -2.29 8.00 -17.55
N SER A 175 -3.46 8.30 -18.11
CA SER A 175 -4.62 7.41 -18.00
C SER A 175 -4.36 6.08 -18.69
N ALA A 176 -3.78 6.11 -19.89
CA ALA A 176 -3.48 4.87 -20.58
C ALA A 176 -2.48 4.03 -19.79
N TYR A 177 -1.46 4.67 -19.23
CA TYR A 177 -0.42 3.96 -18.50
C TYR A 177 -0.96 3.31 -17.23
N ILE A 178 -1.80 4.03 -16.48
CA ILE A 178 -2.34 3.42 -15.25
C ILE A 178 -3.50 2.48 -15.54
N LYS A 179 -4.16 2.61 -16.70
CA LYS A 179 -5.00 1.53 -17.20
C LYS A 179 -4.16 0.29 -17.45
N LYS A 180 -2.92 0.49 -17.92
CA LYS A 180 -1.99 -0.62 -18.11
C LYS A 180 -1.61 -1.27 -16.79
N ILE A 181 -1.32 -0.47 -15.75
CA ILE A 181 -0.81 -1.08 -14.52
C ILE A 181 -1.94 -1.49 -13.58
N GLY A 182 -3.09 -0.80 -13.60
CA GLY A 182 -4.23 -1.27 -12.83
C GLY A 182 -5.18 -0.26 -12.19
N TYR A 183 -4.89 1.04 -12.18
CA TYR A 183 -5.87 2.03 -11.75
C TYR A 183 -6.74 2.39 -12.94
N ASN A 184 -8.05 2.30 -12.77
CA ASN A 184 -8.95 2.84 -13.78
C ASN A 184 -8.89 4.37 -13.71
N PRO A 185 -8.57 5.06 -14.80
CA PRO A 185 -8.43 6.52 -14.73
C PRO A 185 -9.70 7.24 -14.30
N ALA A 186 -10.87 6.62 -14.42
CA ALA A 186 -12.11 7.32 -14.13
C ALA A 186 -12.26 7.61 -12.64
N THR A 187 -11.68 6.78 -11.78
CA THR A 187 -11.76 6.99 -10.34
C THR A 187 -10.75 8.00 -9.83
N VAL A 188 -9.83 8.46 -10.67
CA VAL A 188 -8.77 9.37 -10.26
C VAL A 188 -9.22 10.80 -10.56
N PRO A 189 -9.29 11.69 -9.57
CA PRO A 189 -9.54 13.11 -9.86
C PRO A 189 -8.27 13.81 -10.31
N PHE A 190 -8.37 14.54 -11.42
CA PHE A 190 -7.26 15.36 -11.91
C PHE A 190 -7.62 16.83 -11.71
N VAL A 191 -6.69 17.59 -11.13
CA VAL A 191 -6.89 19.01 -10.85
C VAL A 191 -5.64 19.77 -11.28
N PRO A 192 -5.74 20.73 -12.21
CA PRO A 192 -4.59 21.60 -12.50
C PRO A 192 -4.38 22.59 -11.36
N ILE A 193 -3.15 22.62 -10.84
CA ILE A 193 -2.82 23.46 -9.69
C ILE A 193 -1.40 23.99 -9.86
N SER A 194 -1.07 24.97 -9.01
CA SER A 194 0.30 25.40 -8.78
C SER A 194 0.46 25.58 -7.28
N GLY A 195 1.15 24.64 -6.63
CA GLY A 195 1.26 24.68 -5.18
C GLY A 195 1.80 25.99 -4.67
N TRP A 196 2.68 26.64 -5.45
CA TRP A 196 3.21 27.94 -5.04
C TRP A 196 2.13 29.00 -5.07
N HIS A 197 1.30 29.01 -6.12
CA HIS A 197 0.25 30.00 -6.23
C HIS A 197 -0.89 29.75 -5.27
N GLY A 198 -1.02 28.53 -4.75
CA GLY A 198 -2.27 28.13 -4.13
C GLY A 198 -3.41 28.09 -5.11
N ASP A 199 -3.10 27.86 -6.39
CA ASP A 199 -4.12 27.88 -7.43
C ASP A 199 -5.13 26.76 -7.24
N ASN A 200 -6.41 27.12 -7.22
CA ASN A 200 -7.53 26.19 -7.32
C ASN A 200 -7.67 25.28 -6.11
N MET A 201 -6.91 25.51 -5.05
CA MET A 201 -6.90 24.58 -3.91
C MET A 201 -8.26 24.52 -3.23
N LEU A 202 -8.81 25.68 -2.86
CA LEU A 202 -10.07 25.73 -2.11
C LEU A 202 -11.19 26.45 -2.83
N GLU A 203 -10.92 27.14 -3.94
CA GLU A 203 -11.96 27.80 -4.71
C GLU A 203 -11.50 27.87 -6.17
N PRO A 204 -12.43 28.01 -7.10
CA PRO A 204 -12.02 28.08 -8.52
C PRO A 204 -11.01 29.18 -8.75
N SER A 205 -9.95 28.83 -9.47
CA SER A 205 -8.90 29.81 -9.76
C SER A 205 -9.37 30.79 -10.82
N PRO A 206 -9.18 32.10 -10.62
CA PRO A 206 -9.53 33.05 -11.70
C PRO A 206 -8.69 32.87 -12.95
N ASN A 207 -7.52 32.23 -12.85
CA ASN A 207 -6.68 31.93 -13.99
C ASN A 207 -7.16 30.73 -14.79
N MET A 208 -8.19 30.02 -14.32
CA MET A 208 -8.61 28.74 -14.89
C MET A 208 -10.09 28.80 -15.24
N PRO A 209 -10.45 29.57 -16.28
CA PRO A 209 -11.87 29.59 -16.71
C PRO A 209 -12.28 28.34 -17.45
N TRP A 210 -11.40 27.74 -18.25
CA TRP A 210 -11.75 26.59 -19.06
C TRP A 210 -11.88 25.31 -18.25
N PHE A 211 -11.29 25.25 -17.05
CA PHE A 211 -11.36 24.05 -16.22
C PHE A 211 -12.69 24.08 -15.46
N LYS A 212 -13.76 23.72 -16.16
CA LYS A 212 -15.09 23.77 -15.56
C LYS A 212 -15.17 22.90 -14.31
N GLY A 213 -14.43 21.80 -14.27
CA GLY A 213 -14.33 21.01 -13.06
C GLY A 213 -13.85 19.60 -13.35
N TRP A 214 -13.51 18.89 -12.27
CA TRP A 214 -13.15 17.48 -12.36
C TRP A 214 -14.37 16.61 -12.08
N LYS A 215 -14.36 15.42 -12.68
CA LYS A 215 -15.42 14.42 -12.46
C LYS A 215 -14.78 13.04 -12.38
N VAL A 216 -15.20 12.25 -11.39
CA VAL A 216 -14.74 10.88 -11.22
C VAL A 216 -15.94 9.96 -11.31
N GLU A 217 -15.76 8.82 -11.99
CA GLU A 217 -16.82 7.83 -12.17
C GLU A 217 -16.38 6.56 -11.43
N ARG A 218 -17.03 6.29 -10.30
CA ARG A 218 -16.71 5.17 -9.45
C ARG A 218 -17.90 4.22 -9.35
N LYS A 219 -17.62 2.95 -9.04
CA LYS A 219 -18.69 2.01 -8.78
C LYS A 219 -19.61 2.52 -7.68
N GLU A 220 -19.06 3.23 -6.70
CA GLU A 220 -19.85 3.76 -5.61
C GLU A 220 -20.73 4.93 -6.04
N GLY A 221 -20.46 5.51 -7.20
CA GLY A 221 -21.23 6.65 -7.68
C GLY A 221 -20.37 7.79 -8.16
N ASN A 222 -20.90 8.61 -9.06
CA ASN A 222 -20.13 9.70 -9.63
C ASN A 222 -20.03 10.86 -8.65
N ALA A 223 -18.89 11.55 -8.69
CA ALA A 223 -18.68 12.78 -7.92
C ALA A 223 -17.90 13.76 -8.77
N SER A 224 -18.19 15.05 -8.59
CA SER A 224 -17.56 16.10 -9.39
C SER A 224 -17.26 17.31 -8.52
N GLY A 225 -16.27 18.09 -8.96
CA GLY A 225 -15.90 19.29 -8.24
C GLY A 225 -14.92 20.10 -9.06
N VAL A 226 -14.33 21.10 -8.39
CA VAL A 226 -13.34 21.99 -8.99
C VAL A 226 -12.03 21.98 -8.21
N SER A 227 -12.11 22.14 -6.89
CA SER A 227 -10.95 22.37 -6.06
C SER A 227 -10.37 21.06 -5.51
N LEU A 228 -9.27 21.20 -4.75
CA LEU A 228 -8.52 20.06 -4.23
C LEU A 228 -9.09 19.55 -2.92
N LEU A 229 -9.57 20.46 -2.07
CA LEU A 229 -10.21 20.05 -0.82
C LEU A 229 -11.32 19.04 -1.09
N GLU A 230 -12.13 19.29 -2.12
CA GLU A 230 -13.16 18.33 -2.50
C GLU A 230 -12.54 16.99 -2.88
N ALA A 231 -11.37 17.01 -3.54
CA ALA A 231 -10.69 15.77 -3.86
C ALA A 231 -10.36 14.99 -2.60
N LEU A 232 -9.83 15.67 -1.58
CA LEU A 232 -9.62 14.98 -0.31
C LEU A 232 -10.94 14.56 0.32
N ASP A 233 -12.05 15.20 -0.03
CA ASP A 233 -13.36 14.82 0.45
C ASP A 233 -13.98 13.66 -0.33
N THR A 234 -13.36 13.23 -1.42
CA THR A 234 -13.85 12.07 -2.16
C THR A 234 -13.51 10.74 -1.50
N ILE A 235 -12.60 10.75 -0.53
CA ILE A 235 -12.07 9.50 0.04
C ILE A 235 -13.14 8.77 0.85
N LEU A 236 -12.94 7.46 1.02
CA LEU A 236 -13.84 6.58 1.75
C LEU A 236 -13.09 5.90 2.91
N PRO A 237 -13.81 5.48 3.95
CA PRO A 237 -13.13 4.98 5.17
C PRO A 237 -12.52 3.61 4.98
N PRO A 238 -11.61 3.20 5.87
CA PRO A 238 -11.14 1.81 5.87
C PRO A 238 -12.18 0.88 6.50
N THR A 239 -12.18 -0.36 6.03
CA THR A 239 -13.21 -1.32 6.44
C THR A 239 -12.65 -2.73 6.40
N ARG A 240 -13.42 -3.67 6.97
CA ARG A 240 -13.06 -5.08 6.96
C ARG A 240 -13.48 -5.74 5.64
N PRO A 241 -12.79 -6.82 5.24
CA PRO A 241 -13.14 -7.52 3.99
C PRO A 241 -14.17 -8.63 4.21
N THR A 242 -15.38 -8.23 4.65
CA THR A 242 -16.43 -9.19 4.97
C THR A 242 -17.28 -9.57 3.77
N ASP A 243 -16.92 -9.14 2.55
CA ASP A 243 -17.61 -9.55 1.34
C ASP A 243 -16.74 -10.39 0.40
N LYS A 244 -15.45 -10.49 0.65
CA LYS A 244 -14.55 -11.25 -0.20
C LYS A 244 -14.68 -12.74 0.08
N PRO A 245 -14.12 -13.59 -0.79
CA PRO A 245 -14.15 -15.03 -0.54
C PRO A 245 -13.50 -15.38 0.79
N LEU A 246 -13.82 -16.57 1.28
CA LEU A 246 -13.29 -17.02 2.57
C LEU A 246 -11.80 -17.31 2.49
N ARG A 247 -11.07 -16.84 3.50
CA ARG A 247 -9.68 -17.25 3.72
C ARG A 247 -9.50 -17.43 5.22
N LEU A 248 -8.86 -18.53 5.60
CA LEU A 248 -8.79 -18.92 7.01
C LEU A 248 -7.54 -19.76 7.24
N PRO A 249 -6.43 -19.12 7.59
CA PRO A 249 -5.22 -19.89 7.93
C PRO A 249 -5.46 -20.78 9.14
N LEU A 250 -4.90 -21.99 9.09
CA LEU A 250 -5.04 -22.94 10.19
C LEU A 250 -3.90 -22.72 11.18
N GLN A 251 -4.25 -22.39 12.42
CA GLN A 251 -3.27 -22.27 13.49
C GLN A 251 -3.09 -23.58 14.25
N ASP A 252 -4.15 -24.36 14.40
CA ASP A 252 -4.08 -25.64 15.08
C ASP A 252 -5.20 -26.53 14.56
N VAL A 253 -5.01 -27.84 14.72
CA VAL A 253 -6.04 -28.83 14.48
C VAL A 253 -6.07 -29.77 15.67
N TYR A 254 -7.24 -29.93 16.28
CA TYR A 254 -7.39 -30.72 17.50
C TYR A 254 -8.29 -31.92 17.23
N LYS A 255 -8.11 -32.95 18.04
CA LYS A 255 -8.98 -34.13 18.05
C LYS A 255 -9.77 -34.10 19.36
N ILE A 256 -11.01 -33.64 19.28
CA ILE A 256 -11.87 -33.53 20.45
C ILE A 256 -12.69 -34.80 20.58
N GLY A 257 -12.62 -35.44 21.74
CA GLY A 257 -13.38 -36.64 21.98
C GLY A 257 -14.88 -36.41 21.87
N GLY A 258 -15.54 -37.23 21.05
CA GLY A 258 -16.96 -37.10 20.84
C GLY A 258 -17.39 -36.06 19.83
N ILE A 259 -16.44 -35.34 19.23
CA ILE A 259 -16.72 -34.34 18.20
C ILE A 259 -15.95 -34.64 16.92
N GLY A 260 -14.64 -34.84 17.02
CA GLY A 260 -13.81 -35.18 15.88
C GLY A 260 -12.75 -34.13 15.62
N THR A 261 -12.38 -34.00 14.35
CA THR A 261 -11.34 -33.05 13.96
C THR A 261 -11.90 -31.62 14.03
N VAL A 262 -11.19 -30.74 14.72
CA VAL A 262 -11.64 -29.37 14.92
C VAL A 262 -10.50 -28.40 14.59
N PRO A 263 -10.32 -28.01 13.33
CA PRO A 263 -9.34 -26.96 13.03
C PRO A 263 -9.70 -25.65 13.71
N VAL A 264 -8.65 -24.88 14.03
CA VAL A 264 -8.81 -23.61 14.75
C VAL A 264 -7.97 -22.55 14.06
N GLY A 265 -8.54 -21.35 13.94
CA GLY A 265 -7.82 -20.24 13.34
C GLY A 265 -8.71 -19.02 13.29
N ARG A 266 -8.14 -17.94 12.75
CA ARG A 266 -8.85 -16.67 12.61
C ARG A 266 -9.30 -16.50 11.17
N VAL A 267 -10.55 -16.06 10.99
CA VAL A 267 -11.06 -15.76 9.66
C VAL A 267 -10.45 -14.43 9.22
N GLU A 268 -9.76 -14.44 8.08
CA GLU A 268 -9.12 -13.24 7.56
C GLU A 268 -10.00 -12.48 6.59
N THR A 269 -10.72 -13.19 5.72
CA THR A 269 -11.63 -12.58 4.77
C THR A 269 -12.86 -13.47 4.60
N GLY A 270 -13.96 -12.84 4.20
CA GLY A 270 -15.15 -13.59 3.84
C GLY A 270 -15.90 -14.16 5.05
N ILE A 271 -16.69 -15.19 4.75
CA ILE A 271 -17.62 -15.78 5.71
C ILE A 271 -17.38 -17.28 5.79
N LEU A 272 -17.46 -17.82 7.00
CA LEU A 272 -17.50 -19.26 7.23
C LEU A 272 -18.77 -19.59 7.99
N ARG A 273 -19.59 -20.47 7.43
CA ARG A 273 -20.86 -20.85 8.05
C ARG A 273 -21.02 -22.36 7.97
N PRO A 274 -21.79 -22.95 8.88
CA PRO A 274 -22.03 -24.40 8.82
C PRO A 274 -22.71 -24.79 7.51
N GLY A 275 -22.38 -25.98 7.03
CA GLY A 275 -22.90 -26.49 5.78
C GLY A 275 -22.09 -26.14 4.56
N MET A 276 -21.08 -25.27 4.70
CA MET A 276 -20.22 -24.94 3.58
C MET A 276 -19.35 -26.13 3.19
N VAL A 277 -19.09 -26.24 1.89
CA VAL A 277 -18.11 -27.19 1.38
C VAL A 277 -16.80 -26.44 1.21
N VAL A 278 -15.82 -26.76 2.04
CA VAL A 278 -14.58 -26.00 2.13
C VAL A 278 -13.43 -26.85 1.63
N THR A 279 -12.43 -26.18 1.06
CA THR A 279 -11.25 -26.83 0.50
C THR A 279 -10.02 -26.34 1.26
N PHE A 280 -9.16 -27.29 1.64
CA PHE A 280 -7.92 -26.98 2.35
C PHE A 280 -6.76 -27.03 1.38
N ALA A 281 -5.97 -25.96 1.34
CA ALA A 281 -4.79 -25.89 0.49
C ALA A 281 -3.53 -25.85 1.34
N PRO A 282 -2.39 -26.35 0.82
CA PRO A 282 -2.18 -26.94 -0.50
C PRO A 282 -2.48 -28.44 -0.53
N VAL A 283 -3.01 -29.00 0.56
CA VAL A 283 -3.27 -30.43 0.59
C VAL A 283 -4.38 -30.84 -0.37
N ASN A 284 -5.20 -29.90 -0.81
CA ASN A 284 -6.29 -30.17 -1.74
C ASN A 284 -7.25 -31.21 -1.15
N ILE A 285 -7.86 -30.85 -0.04
CA ILE A 285 -8.83 -31.69 0.66
C ILE A 285 -10.13 -30.91 0.78
N THR A 286 -11.23 -31.51 0.32
CA THR A 286 -12.54 -30.88 0.31
C THR A 286 -13.47 -31.68 1.21
N THR A 287 -14.18 -30.99 2.10
CA THR A 287 -15.12 -31.63 3.01
C THR A 287 -16.21 -30.63 3.36
N GLU A 288 -17.10 -31.06 4.26
CA GLU A 288 -18.22 -30.26 4.72
C GLU A 288 -18.00 -29.85 6.18
N VAL A 289 -18.33 -28.60 6.50
CA VAL A 289 -18.22 -28.11 7.86
C VAL A 289 -19.46 -28.52 8.64
N LYS A 290 -19.28 -29.36 9.65
CA LYS A 290 -20.41 -29.82 10.45
C LYS A 290 -21.00 -28.69 11.27
N SER A 291 -20.15 -27.94 11.97
CA SER A 291 -20.62 -26.86 12.84
C SER A 291 -19.49 -25.88 13.08
N VAL A 292 -19.86 -24.68 13.50
CA VAL A 292 -18.92 -23.63 13.86
C VAL A 292 -19.27 -23.13 15.25
N GLU A 293 -18.27 -23.05 16.13
CA GLU A 293 -18.49 -22.67 17.52
C GLU A 293 -17.55 -21.54 17.90
N MET A 294 -18.11 -20.54 18.59
CA MET A 294 -17.32 -19.44 19.13
C MET A 294 -18.00 -18.96 20.40
N HIS A 295 -17.19 -18.68 21.43
CA HIS A 295 -17.71 -18.25 22.72
C HIS A 295 -18.66 -19.29 23.31
N HIS A 296 -18.39 -20.56 23.04
CA HIS A 296 -19.22 -21.67 23.51
C HIS A 296 -20.66 -21.58 22.98
N GLU A 297 -20.86 -20.93 21.84
CA GLU A 297 -22.17 -20.80 21.22
C GLU A 297 -22.08 -21.18 19.76
N ALA A 298 -23.20 -21.70 19.24
CA ALA A 298 -23.26 -22.06 17.82
C ALA A 298 -23.41 -20.79 16.99
N LEU A 299 -22.50 -20.61 16.03
CA LEU A 299 -22.48 -19.43 15.18
C LEU A 299 -23.05 -19.77 13.81
N SER A 300 -24.06 -19.01 13.38
CA SER A 300 -24.60 -19.19 12.04
C SER A 300 -23.61 -18.73 10.98
N GLU A 301 -22.79 -17.73 11.29
CA GLU A 301 -21.78 -17.24 10.37
C GLU A 301 -20.57 -16.77 11.17
N ALA A 302 -19.41 -16.81 10.52
CA ALA A 302 -18.16 -16.34 11.11
C ALA A 302 -17.66 -15.17 10.27
N LEU A 303 -17.50 -14.01 10.90
CA LEU A 303 -17.06 -12.81 10.23
C LEU A 303 -15.56 -12.67 10.29
N PRO A 304 -14.96 -11.85 9.41
CA PRO A 304 -13.51 -11.62 9.50
C PRO A 304 -13.11 -11.13 10.88
N GLY A 305 -12.03 -11.70 11.40
CA GLY A 305 -11.56 -11.38 12.73
C GLY A 305 -12.03 -12.33 13.82
N ASP A 306 -13.02 -13.18 13.54
CA ASP A 306 -13.51 -14.13 14.51
C ASP A 306 -12.61 -15.36 14.54
N ASN A 307 -11.97 -15.60 15.67
CA ASN A 307 -11.13 -16.78 15.87
C ASN A 307 -12.05 -17.92 16.31
N VAL A 308 -12.43 -18.77 15.36
CA VAL A 308 -13.45 -19.78 15.57
C VAL A 308 -12.83 -21.16 15.42
N GLY A 309 -13.48 -22.13 16.05
CA GLY A 309 -13.14 -23.53 15.87
C GLY A 309 -14.31 -24.31 15.31
N PHE A 310 -14.13 -24.88 14.12
CA PHE A 310 -15.21 -25.53 13.38
C PHE A 310 -14.89 -27.00 13.17
N ASN A 311 -15.91 -27.84 13.31
CA ASN A 311 -15.76 -29.28 13.16
C ASN A 311 -16.04 -29.67 11.71
N VAL A 312 -15.22 -30.58 11.19
CA VAL A 312 -15.34 -31.07 9.82
C VAL A 312 -15.45 -32.59 9.85
N LYS A 313 -16.08 -33.15 8.82
CA LYS A 313 -16.34 -34.58 8.74
C LYS A 313 -15.39 -35.25 7.76
N ASN A 314 -15.16 -36.55 7.98
CA ASN A 314 -14.40 -37.40 7.07
C ASN A 314 -12.97 -36.91 6.86
N VAL A 315 -12.46 -36.09 7.77
CA VAL A 315 -11.09 -35.58 7.68
C VAL A 315 -10.37 -35.92 8.97
N SER A 316 -9.20 -36.53 8.86
CA SER A 316 -8.39 -36.87 10.01
C SER A 316 -7.45 -35.72 10.36
N VAL A 317 -7.00 -35.72 11.61
CA VAL A 317 -6.08 -34.68 12.05
C VAL A 317 -4.76 -34.75 11.29
N LYS A 318 -4.36 -35.96 10.89
CA LYS A 318 -3.15 -36.13 10.11
C LYS A 318 -3.29 -35.60 8.69
N ASP A 319 -4.51 -35.28 8.25
CA ASP A 319 -4.74 -34.79 6.90
C ASP A 319 -4.55 -33.28 6.77
N ILE A 320 -5.02 -32.52 7.76
CA ILE A 320 -4.93 -31.07 7.74
C ILE A 320 -4.13 -30.63 8.96
N ARG A 321 -3.38 -29.54 8.80
CA ARG A 321 -2.38 -29.16 9.79
C ARG A 321 -2.20 -27.64 9.77
N ARG A 322 -1.30 -27.17 10.62
CA ARG A 322 -0.96 -25.75 10.67
C ARG A 322 -0.34 -25.30 9.36
N GLY A 323 -0.60 -24.04 8.99
CA GLY A 323 -0.14 -23.49 7.73
C GLY A 323 -1.06 -23.71 6.56
N ASN A 324 -2.08 -24.57 6.70
CA ASN A 324 -3.06 -24.72 5.65
C ASN A 324 -3.92 -23.46 5.53
N VAL A 325 -4.39 -23.20 4.32
CA VAL A 325 -5.30 -22.09 4.05
C VAL A 325 -6.63 -22.70 3.63
N CYS A 326 -7.67 -22.40 4.40
CA CYS A 326 -9.01 -22.89 4.11
C CYS A 326 -9.82 -21.79 3.43
N GLY A 327 -10.63 -22.19 2.44
CA GLY A 327 -11.42 -21.25 1.69
C GLY A 327 -12.66 -21.91 1.13
N ASP A 328 -13.46 -21.11 0.43
CA ASP A 328 -14.68 -21.62 -0.17
C ASP A 328 -14.34 -22.47 -1.40
N SER A 329 -14.92 -23.67 -1.46
CA SER A 329 -14.62 -24.58 -2.56
C SER A 329 -15.23 -24.11 -3.88
N LYS A 330 -16.19 -23.19 -3.84
CA LYS A 330 -16.89 -22.74 -5.04
C LYS A 330 -16.83 -21.22 -5.18
N SER A 331 -15.80 -20.59 -4.61
CA SER A 331 -15.62 -19.14 -4.78
C SER A 331 -14.14 -18.84 -4.57
N ASP A 332 -13.42 -18.66 -5.67
CA ASP A 332 -11.98 -18.37 -5.68
C ASP A 332 -11.26 -19.29 -4.69
N PRO A 333 -11.28 -20.61 -4.92
CA PRO A 333 -10.73 -21.53 -3.93
C PRO A 333 -9.23 -21.36 -3.80
N PRO A 334 -8.66 -21.62 -2.62
CA PRO A 334 -7.21 -21.52 -2.45
C PRO A 334 -6.49 -22.60 -3.23
N GLN A 335 -5.23 -22.31 -3.57
CA GLN A 335 -4.45 -23.21 -4.42
C GLN A 335 -2.98 -23.13 -4.01
N GLU A 336 -2.24 -24.18 -4.36
CA GLU A 336 -0.82 -24.24 -4.05
C GLU A 336 -0.02 -23.29 -4.93
N ALA A 337 1.05 -22.74 -4.38
CA ALA A 337 1.90 -21.78 -5.08
C ALA A 337 3.17 -22.48 -5.55
N ALA A 338 3.33 -22.59 -6.88
CA ALA A 338 4.57 -23.14 -7.42
C ALA A 338 5.74 -22.21 -7.16
N GLN A 339 5.56 -20.91 -7.41
CA GLN A 339 6.56 -19.91 -7.10
C GLN A 339 5.87 -18.55 -7.06
N PHE A 340 6.56 -17.57 -6.48
CA PHE A 340 6.02 -16.23 -6.39
C PHE A 340 7.16 -15.22 -6.45
N THR A 341 6.85 -14.04 -6.97
CA THR A 341 7.79 -12.93 -7.06
C THR A 341 7.43 -11.87 -6.03
N SER A 342 8.41 -11.44 -5.25
CA SER A 342 8.18 -10.52 -4.15
C SER A 342 9.24 -9.44 -4.15
N GLN A 343 8.88 -8.30 -3.57
CA GLN A 343 9.79 -7.17 -3.38
C GLN A 343 10.15 -7.09 -1.90
N VAL A 344 11.44 -7.16 -1.59
CA VAL A 344 11.91 -7.24 -0.22
C VAL A 344 12.93 -6.14 0.04
N ILE A 345 13.12 -5.84 1.33
CA ILE A 345 14.18 -4.95 1.79
C ILE A 345 15.02 -5.73 2.80
N ILE A 346 16.33 -5.70 2.61
CA ILE A 346 17.25 -6.51 3.42
C ILE A 346 17.56 -5.75 4.70
N LEU A 347 17.22 -6.36 5.84
CA LEU A 347 17.57 -5.80 7.14
C LEU A 347 18.99 -6.22 7.50
N ASN A 348 19.37 -6.01 8.76
CA ASN A 348 20.72 -6.35 9.21
C ASN A 348 21.02 -7.82 8.94
N HIS A 349 21.99 -8.09 8.07
CA HIS A 349 22.36 -9.44 7.71
C HIS A 349 23.84 -9.69 8.02
N PRO A 350 24.20 -10.86 8.55
CA PRO A 350 25.60 -11.09 8.91
C PRO A 350 26.57 -10.97 7.75
N GLY A 351 26.15 -11.28 6.53
CA GLY A 351 27.02 -11.25 5.37
C GLY A 351 26.29 -10.76 4.14
N GLN A 352 26.50 -11.46 3.03
CA GLN A 352 25.88 -11.11 1.76
C GLN A 352 24.94 -12.23 1.31
N ILE A 353 23.91 -11.85 0.55
CA ILE A 353 22.92 -12.79 0.04
C ILE A 353 23.19 -13.00 -1.44
N SER A 354 23.29 -14.27 -1.84
CA SER A 354 23.54 -14.66 -3.22
C SER A 354 22.42 -15.57 -3.71
N ALA A 355 22.45 -15.86 -5.01
CA ALA A 355 21.46 -16.79 -5.57
C ALA A 355 21.61 -18.16 -4.94
N GLY A 356 20.47 -18.76 -4.60
CA GLY A 356 20.44 -20.03 -3.90
C GLY A 356 20.25 -19.92 -2.42
N TYR A 357 20.35 -18.71 -1.85
CA TYR A 357 20.11 -18.53 -0.42
C TYR A 357 18.72 -19.00 -0.06
N SER A 358 18.64 -19.85 0.96
CA SER A 358 17.40 -20.55 1.31
C SER A 358 17.09 -20.35 2.79
N PRO A 359 16.48 -19.22 3.14
CA PRO A 359 16.03 -19.01 4.52
C PRO A 359 14.59 -19.49 4.71
N VAL A 360 14.16 -19.41 5.96
CA VAL A 360 12.79 -19.77 6.33
C VAL A 360 11.90 -18.55 6.18
N ILE A 361 10.71 -18.76 5.61
CA ILE A 361 9.76 -17.69 5.33
C ILE A 361 8.54 -17.89 6.23
N ASP A 362 8.15 -16.83 6.93
CA ASP A 362 6.98 -16.84 7.81
C ASP A 362 5.88 -16.03 7.15
N CYS A 363 4.95 -16.72 6.51
CA CYS A 363 3.81 -16.10 5.85
C CYS A 363 2.53 -16.58 6.53
N HIS A 364 1.67 -15.64 6.89
CA HIS A 364 0.53 -15.89 7.78
C HIS A 364 0.94 -16.87 8.88
N THR A 365 0.46 -18.11 8.83
CA THR A 365 0.80 -19.11 9.82
C THR A 365 1.72 -20.20 9.26
N ALA A 366 2.23 -20.02 8.05
CA ALA A 366 3.11 -21.01 7.44
C ALA A 366 4.56 -20.75 7.82
N HIS A 367 5.36 -21.82 7.85
CA HIS A 367 6.79 -21.76 8.15
C HIS A 367 7.48 -22.76 7.22
N ILE A 368 7.93 -22.27 6.07
CA ILE A 368 8.56 -23.11 5.05
C ILE A 368 9.79 -22.39 4.51
N ALA A 369 10.85 -23.14 4.26
CA ALA A 369 12.07 -22.58 3.69
C ALA A 369 11.91 -22.39 2.19
N CYS A 370 12.20 -21.17 1.73
CA CYS A 370 12.09 -20.82 0.31
C CYS A 370 13.45 -20.40 -0.21
N LYS A 371 13.81 -20.91 -1.39
CA LYS A 371 15.08 -20.62 -2.02
C LYS A 371 14.98 -19.31 -2.80
N PHE A 372 15.98 -18.44 -2.64
CA PHE A 372 16.08 -17.22 -3.44
C PHE A 372 16.61 -17.64 -4.81
N ALA A 373 15.69 -18.02 -5.70
CA ALA A 373 16.09 -18.59 -6.98
C ALA A 373 16.90 -17.57 -7.80
N GLU A 374 16.38 -16.36 -7.95
CA GLU A 374 17.00 -15.34 -8.79
C GLU A 374 16.99 -14.00 -8.06
N LEU A 375 18.14 -13.31 -8.07
CA LEU A 375 18.21 -11.94 -7.61
C LEU A 375 17.94 -11.05 -8.83
N LYS A 376 16.69 -10.60 -8.96
CA LYS A 376 16.25 -9.98 -10.20
C LYS A 376 16.69 -8.52 -10.30
N GLU A 377 16.27 -7.69 -9.35
CA GLU A 377 16.52 -6.27 -9.39
C GLU A 377 16.99 -5.75 -8.04
N LYS A 378 17.71 -4.64 -8.06
CA LYS A 378 18.10 -3.92 -6.85
C LYS A 378 17.42 -2.56 -6.86
N ILE A 379 16.71 -2.27 -5.77
CA ILE A 379 15.90 -1.07 -5.65
C ILE A 379 16.51 -0.15 -4.60
N ASP A 380 16.51 1.15 -4.89
CA ASP A 380 16.98 2.15 -3.93
C ASP A 380 15.98 2.25 -2.79
N ARG A 381 16.45 2.10 -1.55
CA ARG A 381 15.57 2.17 -0.39
C ARG A 381 15.15 3.60 -0.07
N ARG A 382 15.76 4.60 -0.68
CA ARG A 382 15.47 5.99 -0.35
C ARG A 382 14.33 6.57 -1.19
N SER A 383 14.20 6.15 -2.45
CA SER A 383 13.14 6.65 -3.32
C SER A 383 12.45 5.56 -4.12
N GLY A 384 12.87 4.30 -4.00
CA GLY A 384 12.27 3.25 -4.79
C GLY A 384 12.73 3.21 -6.23
N LYS A 385 13.79 3.93 -6.57
CA LYS A 385 14.30 3.97 -7.93
C LYS A 385 15.13 2.73 -8.22
N LYS A 386 14.94 2.14 -9.40
CA LYS A 386 15.74 0.99 -9.81
C LYS A 386 17.19 1.41 -10.00
N LEU A 387 18.10 0.64 -9.39
CA LEU A 387 19.53 0.93 -9.46
C LEU A 387 20.28 -0.06 -10.33
N GLU A 388 20.08 -1.36 -10.13
CA GLU A 388 20.83 -2.38 -10.85
C GLU A 388 19.90 -3.54 -11.21
N ASP A 389 20.17 -4.15 -12.37
CA ASP A 389 19.43 -5.30 -12.85
C ASP A 389 20.28 -6.54 -12.68
N ASN A 390 19.71 -7.59 -12.10
CA ASN A 390 20.43 -8.83 -11.83
C ASN A 390 21.65 -8.53 -10.97
N PRO A 391 21.48 -8.04 -9.74
CA PRO A 391 22.63 -7.74 -8.89
C PRO A 391 23.40 -9.00 -8.51
N LYS A 392 24.71 -8.83 -8.33
CA LYS A 392 25.56 -9.95 -7.95
C LYS A 392 25.21 -10.48 -6.57
N SER A 393 24.98 -9.58 -5.61
CA SER A 393 24.68 -9.97 -4.24
C SER A 393 23.92 -8.84 -3.57
N LEU A 394 23.32 -9.16 -2.42
CA LEU A 394 22.55 -8.19 -1.64
C LEU A 394 23.12 -8.10 -0.24
N LYS A 395 23.12 -6.90 0.32
CA LYS A 395 23.64 -6.64 1.66
C LYS A 395 22.59 -5.89 2.45
N SER A 396 22.93 -5.56 3.71
CA SER A 396 22.02 -4.81 4.55
C SER A 396 21.74 -3.44 3.96
N GLY A 397 20.48 -3.02 4.02
CA GLY A 397 20.07 -1.75 3.46
C GLY A 397 19.68 -1.79 2.01
N ASP A 398 19.74 -2.95 1.35
CA ASP A 398 19.39 -3.06 -0.05
C ASP A 398 17.94 -3.50 -0.20
N ALA A 399 17.19 -2.77 -1.02
CA ALA A 399 15.85 -3.17 -1.43
C ALA A 399 15.94 -3.86 -2.79
N ALA A 400 15.23 -4.98 -2.93
CA ALA A 400 15.39 -5.80 -4.13
C ALA A 400 14.09 -6.54 -4.40
N ILE A 401 13.95 -6.98 -5.66
CA ILE A 401 12.86 -7.83 -6.10
C ILE A 401 13.46 -9.17 -6.49
N VAL A 402 13.00 -10.25 -5.85
CA VAL A 402 13.57 -11.57 -6.03
C VAL A 402 12.46 -12.57 -6.30
N GLU A 403 12.84 -13.71 -6.87
CA GLU A 403 11.94 -14.82 -7.11
C GLU A 403 12.23 -15.92 -6.09
N MET A 404 11.17 -16.46 -5.49
CA MET A 404 11.30 -17.47 -4.45
C MET A 404 10.58 -18.74 -4.86
N VAL A 405 11.22 -19.88 -4.61
CA VAL A 405 10.65 -21.19 -4.90
C VAL A 405 10.46 -21.93 -3.57
N PRO A 406 9.23 -22.19 -3.14
CA PRO A 406 9.04 -22.90 -1.88
C PRO A 406 9.67 -24.29 -1.92
N GLY A 407 10.43 -24.62 -0.88
CA GLY A 407 11.02 -25.94 -0.80
C GLY A 407 10.00 -27.03 -0.54
N LYS A 408 8.88 -26.67 0.06
CA LYS A 408 7.77 -27.58 0.34
C LYS A 408 6.48 -26.93 -0.12
N PRO A 409 5.43 -27.73 -0.36
CA PRO A 409 4.16 -27.14 -0.81
C PRO A 409 3.70 -26.03 0.13
N MET A 410 3.42 -24.87 -0.46
CA MET A 410 3.05 -23.69 0.30
C MET A 410 1.89 -22.99 -0.39
N CYS A 411 1.08 -22.29 0.40
CA CYS A 411 -0.08 -21.57 -0.09
C CYS A 411 0.05 -20.10 0.31
N VAL A 412 0.28 -19.23 -0.67
CA VAL A 412 0.44 -17.80 -0.43
C VAL A 412 -0.39 -17.03 -1.47
N GLU A 413 -0.66 -15.77 -1.15
CA GLU A 413 -1.42 -14.88 -2.00
C GLU A 413 -0.63 -13.60 -2.22
N SER A 414 -1.11 -12.77 -3.14
CA SER A 414 -0.51 -11.47 -3.36
C SER A 414 -1.01 -10.47 -2.32
N PHE A 415 -0.16 -9.48 -2.02
CA PHE A 415 -0.49 -8.51 -0.98
C PHE A 415 -1.65 -7.63 -1.38
N SER A 416 -1.78 -7.29 -2.67
CA SER A 416 -2.84 -6.40 -3.12
C SER A 416 -4.21 -7.00 -2.89
N GLN A 417 -4.38 -8.28 -3.22
CA GLN A 417 -5.69 -8.93 -3.17
C GLN A 417 -6.04 -9.45 -1.79
N TYR A 418 -5.13 -10.18 -1.15
CA TYR A 418 -5.36 -10.79 0.16
C TYR A 418 -4.22 -10.35 1.10
N PRO A 419 -4.29 -9.13 1.62
CA PRO A 419 -3.16 -8.59 2.40
C PRO A 419 -2.77 -9.50 3.56
N PRO A 420 -3.74 -10.08 4.28
CA PRO A 420 -3.38 -11.00 5.37
C PRO A 420 -2.50 -12.16 4.95
N LEU A 421 -2.40 -12.47 3.66
CA LEU A 421 -1.60 -13.60 3.19
C LEU A 421 -0.54 -13.20 2.17
N GLY A 422 -0.22 -11.91 2.06
CA GLY A 422 0.72 -11.45 1.06
C GLY A 422 2.01 -10.89 1.62
N ARG A 423 2.10 -10.74 2.93
CA ARG A 423 3.27 -10.19 3.59
C ARG A 423 3.96 -11.28 4.41
N PHE A 424 5.27 -11.35 4.30
CA PHE A 424 6.05 -12.40 4.95
C PHE A 424 7.29 -11.78 5.59
N ALA A 425 7.90 -12.54 6.50
CA ALA A 425 9.12 -12.15 7.17
C ALA A 425 10.21 -13.19 6.90
N VAL A 426 11.42 -12.72 6.65
CA VAL A 426 12.57 -13.57 6.37
C VAL A 426 13.45 -13.58 7.61
N ARG A 427 13.66 -14.76 8.18
CA ARG A 427 14.41 -14.91 9.42
C ARG A 427 15.51 -15.93 9.24
N ASP A 428 16.73 -15.57 9.67
CA ASP A 428 17.86 -16.48 9.68
C ASP A 428 18.50 -16.40 11.06
N MET A 429 18.80 -17.57 11.63
CA MET A 429 19.30 -17.67 13.01
C MET A 429 18.19 -17.08 13.89
N ARG A 430 18.49 -16.11 14.75
CA ARG A 430 17.48 -15.45 15.56
C ARG A 430 17.09 -14.09 15.03
N GLN A 431 17.65 -13.67 13.89
CA GLN A 431 17.44 -12.33 13.37
C GLN A 431 16.48 -12.36 12.19
N THR A 432 15.63 -11.33 12.10
CA THR A 432 14.75 -11.15 10.96
C THR A 432 15.55 -10.39 9.90
N VAL A 433 16.12 -11.14 8.96
CA VAL A 433 17.07 -10.55 8.00
C VAL A 433 16.38 -9.73 6.91
N ALA A 434 15.10 -9.98 6.63
CA ALA A 434 14.43 -9.23 5.58
C ALA A 434 12.91 -9.36 5.76
N VAL A 435 12.21 -8.37 5.22
CA VAL A 435 10.75 -8.34 5.21
C VAL A 435 10.31 -7.79 3.86
N GLY A 436 9.25 -8.37 3.30
CA GLY A 436 8.80 -7.94 1.99
C GLY A 436 7.35 -8.32 1.75
N VAL A 437 6.87 -7.95 0.57
CA VAL A 437 5.50 -8.20 0.14
C VAL A 437 5.53 -8.92 -1.20
N ILE A 438 4.51 -9.73 -1.46
CA ILE A 438 4.44 -10.55 -2.65
C ILE A 438 3.69 -9.79 -3.74
N LYS A 439 4.30 -9.68 -4.91
CA LYS A 439 3.66 -9.05 -6.07
C LYS A 439 2.78 -10.04 -6.83
N ASN A 440 3.37 -11.12 -7.35
CA ASN A 440 2.66 -12.08 -8.18
C ASN A 440 2.95 -13.50 -7.67
N VAL A 441 1.98 -14.38 -7.88
CA VAL A 441 2.07 -15.78 -7.47
C VAL A 441 1.69 -16.66 -8.66
N GLU A 442 2.49 -17.69 -8.92
CA GLU A 442 2.18 -18.67 -9.96
C GLU A 442 1.46 -19.85 -9.32
N LYS A 443 0.14 -19.85 -9.40
CA LYS A 443 -0.64 -20.95 -8.83
C LYS A 443 -0.28 -22.25 -9.50
N LYS A 444 -0.08 -23.29 -8.70
CA LYS A 444 0.28 -24.60 -9.21
C LYS A 444 -0.94 -25.30 -9.81
N SER A 445 -0.67 -26.34 -10.59
CA SER A 445 -1.73 -27.11 -11.24
C SER A 445 -2.67 -27.71 -10.20
#